data_6IKZ
#
_entry.id   6IKZ
#
_cell.length_a   119.025
_cell.length_b   119.025
_cell.length_c   108.244
_cell.angle_alpha   90.000
_cell.angle_beta   90.000
_cell.angle_gamma   90.000
#
_symmetry.space_group_name_H-M   'P 41 21 2'
#
loop_
_entity.id
_entity.type
_entity.pdbx_description
1 polymer 'UTP--glucose-1-phosphate uridylyltransferase'
2 non-polymer 'SULFATE ION'
3 non-polymer PYROPHOSPHATE
4 non-polymer GLYCEROL
5 non-polymer "URIDINE 5'-TRIPHOSPHATE"
6 water water
#
_entity_poly.entity_id   1
_entity_poly.type   'polypeptide(L)'
_entity_poly.pdbx_seq_one_letter_code
;MIKKAVLPVAGLGTRFLPASKSIPKEMVTVVDRPAIEYVVREAVEAGIEQIILVTHSSKASIENYFDRNFELETTLEQKK
KFDLLAEITQIVPEHVSVISVRQPQPLGLGHAVLCAKSVVGEDDFAVLLPDVLVKDGSGQNDLSRMISRYNSSQAAQIMV
EAVPDHLVDQYGIVDVAQSPNEGESIAMQGIVEKPPVGAAPSNLSVVGRYVLPAKIMQLLENTPKGAGNEIQLTDAIAML
QDTDTVEAYRMQGQTFDCGSKLGYLKAVLHYGLEHPKLGMEFKQLILELK
;
_entity_poly.pdbx_strand_id   A,B
#
loop_
_chem_comp.id
_chem_comp.type
_chem_comp.name
_chem_comp.formula
GOL non-polymer GLYCEROL 'C3 H8 O3'
PPV non-polymer PYROPHOSPHATE 'H4 O7 P2'
SO4 non-polymer 'SULFATE ION' 'O4 S -2'
UTP non-polymer 'URIDINE 5'-TRIPHOSPHATE' 'C9 H15 N2 O15 P3'
#
# COMPACT_ATOMS: atom_id res chain seq x y z
N MET A 1 14.11 27.49 16.08
CA MET A 1 14.55 27.99 14.74
C MET A 1 13.40 27.80 13.72
N ILE A 2 13.33 26.68 12.98
CA ILE A 2 12.14 26.25 12.16
C ILE A 2 11.61 24.94 12.79
N LYS A 3 10.45 24.99 13.45
CA LYS A 3 9.90 23.89 14.27
C LYS A 3 8.67 23.25 13.59
N LYS A 4 8.08 23.91 12.58
CA LYS A 4 6.75 23.61 11.99
C LYS A 4 6.87 23.23 10.51
N ALA A 5 6.09 22.24 10.08
CA ALA A 5 5.98 21.79 8.66
C ALA A 5 4.52 21.46 8.32
N VAL A 6 4.02 22.05 7.24
CA VAL A 6 2.71 21.74 6.59
C VAL A 6 2.92 20.61 5.58
N LEU A 7 2.23 19.49 5.75
CA LEU A 7 2.19 18.39 4.75
C LEU A 7 0.80 18.46 4.14
N PRO A 8 0.65 18.93 2.89
CA PRO A 8 -0.65 19.03 2.26
C PRO A 8 -0.93 17.64 1.71
N VAL A 9 -1.95 16.97 2.25
CA VAL A 9 -2.22 15.53 2.02
C VAL A 9 -3.71 15.33 1.73
N ALA A 10 -4.37 16.36 1.19
CA ALA A 10 -5.84 16.41 0.99
C ALA A 10 -6.25 16.03 -0.44
N GLY A 11 -5.33 15.70 -1.34
CA GLY A 11 -5.68 15.27 -2.71
C GLY A 11 -6.41 13.93 -2.74
N LEU A 12 -7.12 13.58 -3.84
CA LEU A 12 -7.88 12.31 -3.96
C LEU A 12 -7.04 11.23 -4.67
N GLY A 13 -5.81 11.58 -5.03
CA GLY A 13 -4.82 10.67 -5.62
C GLY A 13 -5.32 10.07 -6.93
N THR A 14 -5.62 10.90 -7.93
CA THR A 14 -6.10 10.43 -9.25
C THR A 14 -4.93 9.83 -10.05
N ARG A 15 -3.71 10.31 -9.88
CA ARG A 15 -2.52 9.77 -10.60
C ARG A 15 -2.28 8.31 -10.21
N PHE A 16 -2.58 7.89 -8.98
CA PHE A 16 -2.21 6.54 -8.45
C PHE A 16 -3.44 5.68 -8.14
N LEU A 17 -4.29 5.43 -9.14
CA LEU A 17 -5.49 4.57 -9.04
C LEU A 17 -5.16 3.22 -9.70
N PRO A 18 -5.83 2.10 -9.36
CA PRO A 18 -6.85 2.05 -8.30
C PRO A 18 -6.31 1.87 -6.86
N ALA A 19 -4.98 1.76 -6.73
CA ALA A 19 -4.25 1.62 -5.46
C ALA A 19 -4.81 2.59 -4.42
N SER A 20 -5.23 3.80 -4.81
CA SER A 20 -5.69 4.86 -3.89
C SER A 20 -7.18 5.09 -4.07
N LYS A 21 -7.87 4.13 -4.66
CA LYS A 21 -9.34 4.26 -4.75
C LYS A 21 -9.88 4.48 -3.34
N SER A 22 -9.46 3.62 -2.40
CA SER A 22 -10.11 3.38 -1.08
C SER A 22 -9.15 3.54 0.12
N ILE A 23 -7.87 3.89 -0.08
CA ILE A 23 -6.90 4.28 0.98
C ILE A 23 -6.15 5.50 0.47
N PRO A 24 -5.65 6.41 1.33
CA PRO A 24 -4.86 7.54 0.84
C PRO A 24 -3.66 7.13 -0.02
N LYS A 25 -3.33 7.91 -1.07
CA LYS A 25 -2.05 7.80 -1.85
C LYS A 25 -0.91 7.71 -0.84
N GLU A 26 -1.07 8.41 0.30
CA GLU A 26 0.02 8.68 1.28
C GLU A 26 0.26 7.43 2.10
N MET A 27 -0.63 6.43 2.00
CA MET A 27 -0.59 5.21 2.83
C MET A 27 -0.18 4.02 1.96
N VAL A 28 0.26 4.26 0.75
CA VAL A 28 0.77 3.20 -0.16
C VAL A 28 2.04 2.59 0.44
N THR A 29 2.13 1.26 0.46
CA THR A 29 3.26 0.50 1.02
C THR A 29 4.48 0.76 0.12
N VAL A 30 5.51 1.40 0.66
CA VAL A 30 6.86 1.44 0.06
C VAL A 30 7.72 0.47 0.84
N VAL A 31 7.84 -0.78 0.37
CA VAL A 31 8.59 -1.90 1.01
C VAL A 31 7.75 -2.48 2.17
N ASP A 32 7.63 -1.76 3.27
CA ASP A 32 7.03 -2.31 4.53
C ASP A 32 6.31 -1.22 5.35
N ARG A 33 6.31 0.03 4.90
CA ARG A 33 5.56 1.12 5.58
C ARG A 33 4.92 2.06 4.57
N PRO A 34 3.88 2.82 4.95
CA PRO A 34 3.33 3.85 4.07
C PRO A 34 4.36 4.94 3.74
N ALA A 35 4.24 5.49 2.53
CA ALA A 35 5.05 6.58 1.97
C ALA A 35 5.12 7.73 3.00
N ILE A 36 3.99 8.08 3.60
CA ILE A 36 3.95 9.23 4.54
C ILE A 36 4.99 9.04 5.67
N GLU A 37 5.31 7.80 6.07
CA GLU A 37 6.27 7.60 7.19
C GLU A 37 7.62 8.21 6.78
N TYR A 38 7.98 8.14 5.50
CA TYR A 38 9.33 8.50 5.01
C TYR A 38 9.49 10.02 4.98
N VAL A 39 8.35 10.72 4.83
CA VAL A 39 8.26 12.19 4.73
C VAL A 39 8.28 12.75 6.15
N VAL A 40 7.50 12.15 7.06
CA VAL A 40 7.53 12.57 8.47
C VAL A 40 8.93 12.30 9.03
N ARG A 41 9.52 11.11 8.84
CA ARG A 41 10.90 10.81 9.29
C ARG A 41 11.82 11.96 8.88
N GLU A 42 11.85 12.28 7.58
CA GLU A 42 12.71 13.33 6.97
C GLU A 42 12.56 14.65 7.73
N ALA A 43 11.35 15.13 7.97
CA ALA A 43 11.05 16.38 8.70
C ALA A 43 11.69 16.35 10.10
N VAL A 44 11.42 15.27 10.82
CA VAL A 44 11.84 15.03 12.22
C VAL A 44 13.37 15.02 12.31
N GLU A 45 14.06 14.35 11.41
CA GLU A 45 15.54 14.27 11.38
C GLU A 45 16.14 15.64 11.05
N ALA A 46 15.29 16.64 10.79
CA ALA A 46 15.67 18.04 10.50
C ALA A 46 15.11 18.98 11.58
N GLY A 47 14.77 18.42 12.75
CA GLY A 47 14.32 19.18 13.93
C GLY A 47 12.91 19.73 13.80
N ILE A 48 12.09 19.22 12.89
CA ILE A 48 10.64 19.57 12.90
C ILE A 48 10.00 18.92 14.12
N GLU A 49 9.15 19.66 14.84
CA GLU A 49 8.49 19.21 16.09
C GLU A 49 6.98 19.07 15.89
N GLN A 50 6.37 19.97 15.12
CA GLN A 50 4.92 20.01 14.83
C GLN A 50 4.70 19.66 13.34
N ILE A 51 4.15 18.49 13.06
CA ILE A 51 3.68 18.08 11.72
C ILE A 51 2.24 18.59 11.55
N ILE A 52 2.00 19.48 10.61
CA ILE A 52 0.63 20.01 10.34
C ILE A 52 0.14 19.35 9.07
N LEU A 53 -0.78 18.39 9.20
CA LEU A 53 -1.44 17.69 8.06
C LEU A 53 -2.61 18.56 7.62
N VAL A 54 -2.58 19.07 6.40
CA VAL A 54 -3.78 19.65 5.74
C VAL A 54 -4.48 18.49 5.05
N THR A 55 -5.64 18.07 5.55
CA THR A 55 -6.15 16.73 5.22
C THR A 55 -7.56 16.80 4.64
N HIS A 56 -7.99 15.66 4.10
CA HIS A 56 -9.35 15.39 3.57
C HIS A 56 -10.06 14.39 4.48
N SER A 57 -11.38 14.54 4.56
CA SER A 57 -12.36 13.71 5.32
C SER A 57 -12.20 12.19 5.10
N SER A 58 -11.45 11.70 4.13
CA SER A 58 -11.20 10.24 3.95
C SER A 58 -9.77 9.85 4.32
N LYS A 59 -8.99 10.76 4.91
CA LYS A 59 -7.56 10.51 5.17
C LYS A 59 -7.31 10.23 6.66
N ALA A 60 -8.31 9.71 7.40
CA ALA A 60 -8.19 9.30 8.82
C ALA A 60 -7.04 8.32 8.98
N SER A 61 -6.84 7.40 8.04
CA SER A 61 -5.82 6.34 8.16
C SER A 61 -4.44 6.99 8.29
N ILE A 62 -4.20 8.15 7.65
CA ILE A 62 -2.93 8.91 7.86
C ILE A 62 -2.81 9.30 9.35
N GLU A 63 -3.88 9.85 9.93
CA GLU A 63 -3.86 10.37 11.32
C GLU A 63 -3.72 9.20 12.29
N ASN A 64 -4.37 8.05 12.00
CA ASN A 64 -4.37 6.85 12.85
C ASN A 64 -2.95 6.26 12.89
N TYR A 65 -2.14 6.52 11.88
CA TYR A 65 -0.81 5.90 11.71
C TYR A 65 0.13 6.40 12.82
N PHE A 66 0.05 7.70 13.15
CA PHE A 66 0.89 8.40 14.17
C PHE A 66 0.21 8.44 15.55
N ASP A 67 -0.94 7.76 15.71
CA ASP A 67 -1.71 7.60 16.97
C ASP A 67 -1.60 6.13 17.43
N ARG A 68 -2.06 5.84 18.64
CA ARG A 68 -1.99 4.49 19.24
C ARG A 68 -3.31 3.75 18.94
N ASN A 69 -3.18 2.47 18.63
CA ASN A 69 -4.26 1.54 18.27
C ASN A 69 -4.44 0.57 19.44
N PHE A 70 -5.49 0.72 20.24
CA PHE A 70 -5.70 -0.14 21.42
C PHE A 70 -5.72 -1.61 20.99
N GLU A 71 -6.71 -2.02 20.20
CA GLU A 71 -6.91 -3.44 19.80
C GLU A 71 -5.60 -3.99 19.21
N LEU A 72 -4.85 -3.19 18.48
CA LEU A 72 -3.65 -3.74 17.81
C LEU A 72 -2.59 -4.01 18.88
N GLU A 73 -2.39 -3.05 19.77
CA GLU A 73 -1.39 -3.14 20.85
C GLU A 73 -1.76 -4.39 21.66
N THR A 74 -3.01 -4.50 22.11
CA THR A 74 -3.34 -5.60 23.02
C THR A 74 -3.19 -6.92 22.29
N THR A 75 -3.35 -7.03 20.97
CA THR A 75 -3.17 -8.36 20.32
C THR A 75 -1.66 -8.64 20.23
N LEU A 76 -0.82 -7.60 20.16
CA LEU A 76 0.66 -7.78 20.07
C LEU A 76 1.17 -8.26 21.43
N GLU A 77 0.59 -7.76 22.53
CA GLU A 77 0.93 -8.19 23.92
C GLU A 77 0.59 -9.67 24.08
N GLN A 78 -0.68 -10.03 23.84
CA GLN A 78 -1.20 -11.42 23.90
C GLN A 78 -0.32 -12.37 23.09
N LYS A 79 0.47 -11.90 22.12
CA LYS A 79 1.33 -12.78 21.28
C LYS A 79 2.79 -12.58 21.69
N LYS A 80 3.05 -11.79 22.72
CA LYS A 80 4.40 -11.63 23.29
C LYS A 80 5.33 -11.23 22.14
N LYS A 81 4.88 -10.31 21.27
CA LYS A 81 5.70 -9.76 20.15
C LYS A 81 6.20 -8.39 20.57
N PHE A 82 6.99 -8.33 21.65
CA PHE A 82 7.25 -7.08 22.42
C PHE A 82 8.11 -6.09 21.65
N ASP A 83 9.05 -6.56 20.80
CA ASP A 83 9.93 -5.65 20.00
C ASP A 83 9.07 -4.88 18.99
N LEU A 84 8.10 -5.57 18.39
CA LEU A 84 7.17 -5.03 17.37
C LEU A 84 6.31 -3.95 18.02
N LEU A 85 5.66 -4.30 19.12
CA LEU A 85 4.83 -3.38 19.92
C LEU A 85 5.63 -2.13 20.30
N ALA A 86 6.95 -2.26 20.51
CA ALA A 86 7.81 -1.12 20.88
C ALA A 86 7.99 -0.23 19.65
N GLU A 87 8.14 -0.85 18.46
CA GLU A 87 8.26 -0.18 17.13
C GLU A 87 6.95 0.58 16.80
N ILE A 88 5.78 -0.07 16.86
CA ILE A 88 4.49 0.55 16.45
C ILE A 88 3.98 1.54 17.53
N THR A 89 4.67 1.65 18.66
CA THR A 89 4.32 2.58 19.76
C THR A 89 5.12 3.89 19.64
N GLN A 90 6.32 3.85 19.05
CA GLN A 90 7.26 4.98 19.02
C GLN A 90 7.51 5.43 17.58
N ILE A 91 6.43 5.55 16.78
CA ILE A 91 6.51 5.92 15.33
C ILE A 91 7.15 7.30 15.21
N VAL A 92 6.84 8.19 16.15
CA VAL A 92 7.41 9.57 16.19
C VAL A 92 8.05 9.79 17.54
N PRO A 93 9.23 10.47 17.59
CA PRO A 93 9.74 10.91 18.90
C PRO A 93 8.59 11.47 19.78
N GLU A 94 8.69 11.34 21.11
CA GLU A 94 7.59 11.69 22.05
C GLU A 94 7.39 13.23 22.09
N HIS A 95 8.43 14.01 21.77
CA HIS A 95 8.37 15.49 21.64
C HIS A 95 7.76 15.98 20.31
N VAL A 96 7.30 15.10 19.43
CA VAL A 96 6.76 15.48 18.08
C VAL A 96 5.23 15.40 18.14
N SER A 97 4.55 16.49 17.76
CA SER A 97 3.07 16.59 17.72
C SER A 97 2.60 16.52 16.26
N VAL A 98 1.58 15.73 15.97
CA VAL A 98 0.91 15.66 14.64
C VAL A 98 -0.45 16.32 14.78
N ILE A 99 -0.67 17.46 14.10
CA ILE A 99 -1.93 18.27 14.08
C ILE A 99 -2.66 17.98 12.77
N SER A 100 -3.98 18.17 12.74
CA SER A 100 -4.75 18.16 11.48
C SER A 100 -5.60 19.42 11.38
N VAL A 101 -5.72 19.90 10.14
CA VAL A 101 -6.75 20.88 9.75
C VAL A 101 -7.27 20.41 8.41
N ARG A 102 -8.57 20.64 8.15
CA ARG A 102 -9.24 20.20 6.89
C ARG A 102 -9.02 21.24 5.78
N GLN A 103 -8.77 20.78 4.54
CA GLN A 103 -8.95 21.56 3.29
C GLN A 103 -10.39 21.35 2.81
N PRO A 104 -11.27 22.35 3.01
CA PRO A 104 -12.70 22.19 2.75
C PRO A 104 -12.99 21.63 1.36
N GLN A 105 -12.38 22.24 0.32
CA GLN A 105 -12.50 21.86 -1.12
C GLN A 105 -11.11 21.77 -1.73
N PRO A 106 -10.92 20.96 -2.79
CA PRO A 106 -9.61 20.78 -3.41
C PRO A 106 -9.23 21.87 -4.43
N LEU A 107 -8.85 23.05 -3.92
CA LEU A 107 -8.51 24.24 -4.72
C LEU A 107 -6.98 24.41 -4.77
N GLY A 108 -6.23 23.30 -4.78
CA GLY A 108 -4.78 23.34 -5.04
C GLY A 108 -3.92 23.69 -3.83
N LEU A 109 -2.61 23.82 -4.08
CA LEU A 109 -1.52 23.68 -3.08
C LEU A 109 -1.40 24.95 -2.25
N GLY A 110 -1.57 26.12 -2.84
CA GLY A 110 -1.52 27.39 -2.10
C GLY A 110 -2.70 27.50 -1.18
N HIS A 111 -3.84 26.94 -1.59
CA HIS A 111 -5.10 27.01 -0.79
C HIS A 111 -4.96 26.07 0.39
N ALA A 112 -4.33 24.91 0.16
CA ALA A 112 -3.99 23.93 1.20
C ALA A 112 -3.07 24.59 2.27
N VAL A 113 -1.89 25.07 1.89
CA VAL A 113 -1.00 25.85 2.82
C VAL A 113 -1.80 27.00 3.44
N LEU A 114 -2.68 27.68 2.73
CA LEU A 114 -3.44 28.77 3.39
C LEU A 114 -4.30 28.20 4.54
N CYS A 115 -4.78 26.96 4.41
CA CYS A 115 -5.61 26.28 5.44
C CYS A 115 -4.83 26.08 6.77
N ALA A 116 -3.50 25.98 6.75
CA ALA A 116 -2.63 25.90 7.94
C ALA A 116 -2.36 27.28 8.57
N LYS A 117 -2.98 28.36 8.10
CA LYS A 117 -2.67 29.74 8.58
C LYS A 117 -2.72 29.82 10.11
N SER A 118 -3.82 29.34 10.70
CA SER A 118 -4.12 29.45 12.15
C SER A 118 -3.11 28.66 12.99
N VAL A 119 -2.60 27.53 12.49
CA VAL A 119 -1.64 26.62 13.21
C VAL A 119 -0.20 27.15 13.07
N VAL A 120 0.10 27.83 11.97
CA VAL A 120 1.46 28.39 11.72
C VAL A 120 1.62 29.71 12.51
N GLY A 121 0.56 30.52 12.54
CA GLY A 121 0.52 31.83 13.23
C GLY A 121 1.66 32.70 12.71
N GLU A 122 2.52 33.17 13.60
CA GLU A 122 3.61 34.08 13.20
C GLU A 122 4.89 33.27 12.92
N ASP A 123 4.89 31.95 13.08
CA ASP A 123 6.12 31.13 12.95
C ASP A 123 6.49 31.00 11.45
N ASP A 124 7.77 30.75 11.17
CA ASP A 124 8.26 30.46 9.81
C ASP A 124 8.20 28.94 9.72
N PHE A 125 7.99 28.37 8.55
CA PHE A 125 7.61 26.93 8.44
C PHE A 125 8.15 26.32 7.17
N ALA A 126 8.32 25.01 7.17
CA ALA A 126 8.63 24.20 5.97
C ALA A 126 7.30 23.72 5.41
N VAL A 127 7.25 23.50 4.10
CA VAL A 127 6.17 22.75 3.40
C VAL A 127 6.83 21.50 2.81
N LEU A 128 6.28 20.31 3.06
CA LEU A 128 6.80 19.09 2.39
C LEU A 128 5.65 18.45 1.63
N LEU A 129 5.74 18.38 0.30
CA LEU A 129 4.79 17.62 -0.54
C LEU A 129 5.04 16.14 -0.29
N PRO A 130 4.03 15.43 0.24
CA PRO A 130 4.24 14.08 0.73
C PRO A 130 4.37 13.01 -0.36
N ASP A 131 4.00 13.34 -1.59
CA ASP A 131 4.04 12.40 -2.76
C ASP A 131 5.47 12.32 -3.27
N VAL A 132 6.34 13.25 -2.92
CA VAL A 132 7.81 13.19 -3.23
C VAL A 132 8.55 12.61 -2.04
N LEU A 133 9.28 11.50 -2.24
CA LEU A 133 10.27 10.95 -1.29
C LEU A 133 11.63 11.52 -1.64
N VAL A 134 12.43 11.94 -0.65
CA VAL A 134 13.86 12.32 -0.90
C VAL A 134 14.75 11.46 0.00
N LYS A 135 15.63 10.68 -0.63
CA LYS A 135 16.49 9.64 0.01
C LYS A 135 17.93 10.14 0.00
N ASP A 136 18.81 9.42 0.72
CA ASP A 136 20.29 9.49 0.64
C ASP A 136 20.75 10.74 1.40
N GLY A 137 22.06 10.85 1.63
CA GLY A 137 22.68 11.92 2.44
C GLY A 137 23.85 11.37 3.24
N SER A 138 24.94 12.12 3.31
CA SER A 138 26.19 11.74 4.03
C SER A 138 25.97 11.91 5.53
N GLY A 139 25.62 13.12 5.97
CA GLY A 139 25.33 13.45 7.38
C GLY A 139 23.88 13.90 7.56
N GLN A 140 23.68 15.21 7.71
CA GLN A 140 22.34 15.83 7.82
C GLN A 140 21.65 15.81 6.43
N ASN A 141 20.33 15.70 6.41
CA ASN A 141 19.52 15.56 5.17
C ASN A 141 19.35 16.94 4.50
N ASP A 142 18.94 16.93 3.23
CA ASP A 142 18.71 18.14 2.41
C ASP A 142 17.78 19.13 3.11
N LEU A 143 16.67 18.67 3.70
CA LEU A 143 15.77 19.58 4.44
C LEU A 143 16.53 20.26 5.58
N SER A 144 17.41 19.57 6.32
CA SER A 144 18.17 20.24 7.43
C SER A 144 19.01 21.37 6.83
N ARG A 145 19.81 21.07 5.80
CA ARG A 145 20.73 22.03 5.14
C ARG A 145 19.90 23.25 4.78
N MET A 146 18.87 23.03 3.98
CA MET A 146 17.98 24.10 3.48
C MET A 146 17.39 24.91 4.65
N ILE A 147 17.13 24.32 5.82
CA ILE A 147 16.60 25.08 7.00
C ILE A 147 17.72 25.97 7.59
N SER A 148 18.89 25.40 7.91
CA SER A 148 20.07 26.16 8.40
C SER A 148 20.38 27.32 7.44
N ARG A 149 20.18 27.09 6.15
CA ARG A 149 20.28 28.16 5.13
C ARG A 149 19.18 29.20 5.37
N TYR A 150 17.91 28.82 5.58
CA TYR A 150 16.80 29.81 5.80
C TYR A 150 17.13 30.60 7.06
N ASN A 151 17.75 29.93 8.03
CA ASN A 151 18.06 30.56 9.34
C ASN A 151 19.12 31.66 9.13
N SER A 152 20.22 31.38 8.42
CA SER A 152 21.33 32.35 8.26
C SER A 152 20.87 33.52 7.38
N SER A 153 20.31 33.23 6.20
CA SER A 153 20.05 34.20 5.11
C SER A 153 18.76 34.97 5.39
N GLN A 154 17.77 34.30 5.98
CA GLN A 154 16.39 34.83 6.15
C GLN A 154 15.76 35.02 4.76
N ALA A 155 16.15 34.18 3.80
CA ALA A 155 15.58 34.09 2.44
C ALA A 155 14.76 32.81 2.30
N ALA A 156 13.48 32.93 1.96
CA ALA A 156 12.65 31.80 1.47
C ALA A 156 13.56 30.85 0.70
N GLN A 157 13.40 29.53 0.90
CA GLN A 157 14.24 28.49 0.27
C GLN A 157 13.34 27.53 -0.51
N ILE A 158 13.75 27.20 -1.74
CA ILE A 158 12.99 26.30 -2.63
C ILE A 158 13.92 25.19 -3.13
N MET A 159 13.60 23.96 -2.80
CA MET A 159 14.51 22.83 -3.10
C MET A 159 14.30 22.50 -4.56
N VAL A 160 15.40 22.42 -5.30
CA VAL A 160 15.45 22.13 -6.75
C VAL A 160 16.46 21.01 -6.97
N GLU A 161 16.30 20.26 -8.07
CA GLU A 161 17.27 19.23 -8.50
C GLU A 161 17.45 19.26 -10.03
N ALA A 162 18.71 19.07 -10.46
CA ALA A 162 19.15 19.05 -11.86
C ALA A 162 18.44 17.93 -12.61
N VAL A 163 17.82 18.23 -13.75
CA VAL A 163 17.12 17.27 -14.64
C VAL A 163 17.80 17.29 -16.00
N PRO A 164 17.68 16.22 -16.82
CA PRO A 164 18.31 16.20 -18.14
C PRO A 164 17.67 17.28 -19.05
N ASP A 165 18.50 17.93 -19.88
CA ASP A 165 18.14 19.11 -20.71
C ASP A 165 16.87 18.84 -21.53
N HIS A 166 16.71 17.61 -22.01
CA HIS A 166 15.62 17.17 -22.92
C HIS A 166 14.31 16.83 -22.19
N LEU A 167 14.21 17.05 -20.86
CA LEU A 167 13.00 16.74 -20.05
C LEU A 167 12.52 17.96 -19.24
N VAL A 168 13.11 19.15 -19.42
CA VAL A 168 12.80 20.33 -18.55
C VAL A 168 11.34 20.75 -18.76
N ASP A 169 10.64 20.18 -19.74
CA ASP A 169 9.21 20.51 -20.03
C ASP A 169 8.27 19.68 -19.15
N GLN A 170 8.79 18.72 -18.37
CA GLN A 170 8.00 17.89 -17.42
C GLN A 170 7.92 18.54 -16.01
N TYR A 171 8.51 19.71 -15.80
CA TYR A 171 8.85 20.23 -14.45
C TYR A 171 8.58 21.73 -14.39
N GLY A 172 8.25 22.27 -13.22
CA GLY A 172 8.49 23.68 -12.88
C GLY A 172 9.99 23.89 -12.78
N ILE A 173 10.60 24.74 -13.60
CA ILE A 173 12.06 25.02 -13.43
C ILE A 173 12.22 26.50 -13.12
N VAL A 174 13.32 26.81 -12.44
CA VAL A 174 13.57 28.10 -11.72
C VAL A 174 14.44 28.99 -12.59
N ASP A 175 14.09 30.28 -12.64
CA ASP A 175 14.91 31.39 -13.21
C ASP A 175 16.03 31.68 -12.21
N VAL A 176 17.21 31.19 -12.50
CA VAL A 176 18.45 31.40 -11.73
C VAL A 176 19.50 31.93 -12.73
N ALA A 177 20.55 32.59 -12.24
CA ALA A 177 21.64 33.18 -13.07
C ALA A 177 22.63 32.07 -13.42
N GLN A 178 23.32 31.55 -12.41
CA GLN A 178 24.16 30.33 -12.48
C GLN A 178 23.47 29.27 -11.61
N SER A 179 23.61 28.01 -11.97
CA SER A 179 23.23 26.83 -11.16
C SER A 179 24.17 26.80 -9.96
N PRO A 180 23.67 26.76 -8.71
CA PRO A 180 24.57 26.55 -7.54
C PRO A 180 25.22 25.16 -7.47
N ASN A 181 26.13 24.96 -6.51
CA ASN A 181 26.68 23.60 -6.23
C ASN A 181 25.65 22.80 -5.42
N GLU A 182 25.75 21.48 -5.46
CA GLU A 182 24.95 20.56 -4.62
C GLU A 182 25.15 20.98 -3.16
N GLY A 183 24.06 21.16 -2.42
CA GLY A 183 24.07 21.55 -1.00
C GLY A 183 24.22 23.04 -0.82
N GLU A 184 24.03 23.85 -1.87
CA GLU A 184 24.09 25.34 -1.78
C GLU A 184 22.90 26.01 -2.49
N SER A 185 22.67 27.28 -2.17
CA SER A 185 21.52 28.10 -2.65
C SER A 185 22.04 29.24 -3.55
N ILE A 186 21.13 29.86 -4.30
CA ILE A 186 21.40 31.08 -5.11
C ILE A 186 20.07 31.80 -5.30
N ALA A 187 20.09 33.13 -5.37
CA ALA A 187 18.85 33.92 -5.56
C ALA A 187 18.22 33.50 -6.89
N MET A 188 16.91 33.35 -6.88
CA MET A 188 16.08 33.00 -8.06
C MET A 188 14.98 34.06 -8.19
N GLN A 189 14.53 34.33 -9.43
CA GLN A 189 13.66 35.49 -9.75
C GLN A 189 12.32 35.01 -10.31
N GLY A 190 12.08 33.70 -10.37
CA GLY A 190 10.76 33.17 -10.76
C GLY A 190 10.81 31.67 -10.97
N ILE A 191 9.66 31.00 -11.03
CA ILE A 191 9.64 29.61 -11.52
C ILE A 191 8.71 29.67 -12.73
N VAL A 192 9.08 28.98 -13.82
CA VAL A 192 8.26 28.83 -15.05
C VAL A 192 7.72 27.39 -15.09
N GLU A 193 6.41 27.24 -15.30
CA GLU A 193 5.76 25.89 -15.40
C GLU A 193 6.06 25.27 -16.77
N LYS A 194 6.46 23.99 -16.76
CA LYS A 194 6.70 23.17 -17.97
C LYS A 194 7.26 24.12 -19.03
N PRO A 195 8.51 24.59 -18.88
CA PRO A 195 9.11 25.48 -19.86
C PRO A 195 9.40 24.69 -21.14
N PRO A 196 9.50 25.40 -22.30
CA PRO A 196 9.68 24.75 -23.60
C PRO A 196 11.11 24.24 -23.84
N VAL A 197 11.22 23.02 -24.39
CA VAL A 197 12.47 22.19 -24.54
C VAL A 197 13.65 23.05 -24.96
N GLY A 198 13.46 23.94 -25.95
CA GLY A 198 14.48 24.87 -26.44
C GLY A 198 15.02 25.77 -25.33
N ALA A 199 14.17 26.64 -24.77
CA ALA A 199 14.55 27.82 -23.94
C ALA A 199 13.87 27.77 -22.56
N ALA A 200 14.58 27.25 -21.56
CA ALA A 200 14.24 27.29 -20.12
C ALA A 200 15.40 27.96 -19.38
N PRO A 201 15.16 28.70 -18.28
CA PRO A 201 16.21 29.54 -17.70
C PRO A 201 17.25 28.76 -16.89
N SER A 202 17.04 27.45 -16.72
CA SER A 202 18.00 26.49 -16.11
C SER A 202 17.50 25.05 -16.31
N ASN A 203 18.23 24.08 -15.75
CA ASN A 203 17.87 22.64 -15.72
C ASN A 203 17.49 22.22 -14.28
N LEU A 204 17.19 23.20 -13.40
CA LEU A 204 16.95 22.97 -11.96
C LEU A 204 15.44 22.93 -11.70
N SER A 205 14.93 21.75 -11.31
CA SER A 205 13.49 21.44 -11.20
C SER A 205 13.02 21.73 -9.77
N VAL A 206 11.83 22.31 -9.65
CA VAL A 206 11.15 22.49 -8.34
C VAL A 206 10.78 21.09 -7.86
N VAL A 207 11.11 20.75 -6.62
CA VAL A 207 11.08 19.37 -6.07
C VAL A 207 9.84 19.14 -5.21
N GLY A 208 9.38 20.15 -4.46
CA GLY A 208 8.28 20.04 -3.48
C GLY A 208 8.78 20.02 -2.03
N ARG A 209 9.78 20.84 -1.72
CA ARG A 209 10.27 21.14 -0.36
C ARG A 209 10.55 22.63 -0.26
N TYR A 210 9.93 23.32 0.69
CA TYR A 210 10.02 24.79 0.85
C TYR A 210 10.27 25.11 2.31
N VAL A 211 10.97 26.21 2.57
CA VAL A 211 10.99 26.97 3.85
C VAL A 211 10.51 28.36 3.52
N LEU A 212 9.40 28.81 4.11
CA LEU A 212 8.71 30.08 3.76
C LEU A 212 8.48 30.84 5.05
N PRO A 213 8.39 32.16 5.02
CA PRO A 213 7.96 32.91 6.20
C PRO A 213 6.44 33.04 6.28
N ALA A 214 5.91 33.24 7.47
CA ALA A 214 4.48 33.44 7.78
C ALA A 214 3.86 34.44 6.82
N LYS A 215 4.59 35.51 6.47
CA LYS A 215 4.18 36.57 5.49
C LYS A 215 3.29 35.95 4.41
N ILE A 216 3.77 34.84 3.82
CA ILE A 216 3.20 34.08 2.65
C ILE A 216 1.71 33.79 2.83
N MET A 217 1.22 33.70 4.07
CA MET A 217 -0.20 33.38 4.33
C MET A 217 -1.05 34.57 3.87
N GLN A 218 -0.65 35.79 4.26
CA GLN A 218 -1.23 37.08 3.82
C GLN A 218 -1.17 37.18 2.29
N LEU A 219 -0.06 36.78 1.71
CA LEU A 219 0.09 36.81 0.23
C LEU A 219 -0.88 35.78 -0.38
N LEU A 220 -0.95 34.56 0.13
CA LEU A 220 -1.87 33.49 -0.39
C LEU A 220 -3.32 33.99 -0.35
N GLU A 221 -3.70 34.86 0.60
CA GLU A 221 -5.06 35.46 0.70
C GLU A 221 -5.29 36.53 -0.38
N ASN A 222 -4.26 36.94 -1.12
CA ASN A 222 -4.34 38.05 -2.12
C ASN A 222 -3.72 37.66 -3.47
N THR A 223 -3.56 36.37 -3.76
CA THR A 223 -3.19 35.87 -5.13
C THR A 223 -4.47 35.61 -5.90
N PRO A 224 -4.57 36.10 -7.16
CA PRO A 224 -5.73 35.82 -8.00
C PRO A 224 -5.78 34.37 -8.52
N LYS A 225 -6.59 34.12 -9.56
CA LYS A 225 -6.76 32.81 -10.24
C LYS A 225 -7.67 31.92 -9.37
N GLY A 226 -8.60 32.52 -8.61
CA GLY A 226 -9.45 31.85 -7.61
C GLY A 226 -10.40 30.81 -8.21
N ALA A 227 -10.92 31.07 -9.42
CA ALA A 227 -11.93 30.24 -10.14
C ALA A 227 -11.27 29.42 -11.27
N GLY A 228 -10.03 29.74 -11.66
CA GLY A 228 -9.32 29.11 -12.78
C GLY A 228 -8.62 27.82 -12.37
N ASN A 229 -7.61 27.94 -11.49
CA ASN A 229 -6.83 26.82 -10.91
C ASN A 229 -6.89 26.90 -9.36
N GLU A 230 -7.68 27.85 -8.85
CA GLU A 230 -7.58 28.44 -7.48
C GLU A 230 -6.12 28.76 -7.12
N ILE A 231 -5.87 29.02 -5.83
CA ILE A 231 -4.65 29.71 -5.30
C ILE A 231 -3.39 28.91 -5.67
N GLN A 232 -2.45 29.58 -6.33
CA GLN A 232 -1.18 29.01 -6.85
C GLN A 232 -0.07 29.42 -5.87
N LEU A 233 0.76 28.50 -5.40
CA LEU A 233 1.85 28.82 -4.42
C LEU A 233 2.90 29.71 -5.10
N THR A 234 3.27 29.37 -6.33
CA THR A 234 4.29 30.06 -7.17
C THR A 234 3.90 31.53 -7.36
N ASP A 235 2.61 31.86 -7.39
CA ASP A 235 2.09 33.26 -7.49
C ASP A 235 2.37 34.01 -6.19
N ALA A 236 2.20 33.36 -5.04
CA ALA A 236 2.47 33.96 -3.72
C ALA A 236 3.98 34.18 -3.53
N ILE A 237 4.78 33.18 -3.90
CA ILE A 237 6.26 33.30 -3.87
C ILE A 237 6.69 34.42 -4.83
N ALA A 238 6.11 34.53 -6.03
CA ALA A 238 6.35 35.67 -6.94
C ALA A 238 6.10 36.97 -6.18
N MET A 239 4.97 37.10 -5.46
CA MET A 239 4.66 38.33 -4.70
C MET A 239 5.70 38.53 -3.58
N LEU A 240 6.30 37.47 -3.04
CA LEU A 240 7.28 37.61 -1.92
C LEU A 240 8.55 38.26 -2.48
N GLN A 241 8.87 37.90 -3.73
CA GLN A 241 10.02 38.46 -4.49
C GLN A 241 10.05 39.98 -4.35
N ASP A 242 8.86 40.60 -4.36
CA ASP A 242 8.67 42.08 -4.36
C ASP A 242 9.30 42.71 -3.11
N THR A 243 9.42 42.02 -1.96
CA THR A 243 10.03 42.59 -0.73
C THR A 243 11.18 41.72 -0.17
N ASP A 244 11.32 40.48 -0.60
CA ASP A 244 12.17 39.50 0.14
C ASP A 244 13.00 38.72 -0.86
N THR A 245 14.25 38.40 -0.52
CA THR A 245 15.08 37.51 -1.36
C THR A 245 14.43 36.11 -1.31
N VAL A 246 14.57 35.35 -2.40
CA VAL A 246 14.11 33.94 -2.50
C VAL A 246 15.26 33.16 -3.15
N GLU A 247 15.63 31.99 -2.65
CA GLU A 247 16.83 31.25 -3.12
C GLU A 247 16.45 29.83 -3.51
N ALA A 248 17.12 29.31 -4.51
CA ALA A 248 17.03 27.90 -4.91
C ALA A 248 18.18 27.17 -4.24
N TYR A 249 17.82 26.20 -3.40
CA TYR A 249 18.70 25.20 -2.75
C TYR A 249 18.76 23.98 -3.65
N ARG A 250 19.98 23.53 -3.95
CA ARG A 250 20.21 22.32 -4.78
C ARG A 250 20.50 21.12 -3.88
N MET A 251 19.66 20.09 -3.97
CA MET A 251 19.80 18.83 -3.20
C MET A 251 21.17 18.20 -3.43
N GLN A 252 21.69 17.54 -2.40
CA GLN A 252 22.76 16.49 -2.44
C GLN A 252 22.10 15.16 -2.80
N GLY A 253 20.87 14.94 -2.32
CA GLY A 253 20.17 13.65 -2.37
C GLY A 253 19.51 13.39 -3.71
N GLN A 254 18.47 12.55 -3.71
CA GLN A 254 17.80 11.96 -4.91
C GLN A 254 16.31 11.81 -4.61
N THR A 255 15.41 12.32 -5.46
CA THR A 255 13.94 12.26 -5.22
C THR A 255 13.27 11.07 -5.92
N PHE A 256 12.07 10.70 -5.47
CA PHE A 256 11.20 9.65 -6.06
C PHE A 256 9.75 10.12 -6.00
N ASP A 257 9.08 10.12 -7.15
CA ASP A 257 7.71 10.64 -7.30
C ASP A 257 6.73 9.46 -7.16
N CYS A 258 6.25 9.20 -5.94
CA CYS A 258 5.17 8.20 -5.65
C CYS A 258 3.80 8.81 -5.93
N GLY A 259 3.70 9.58 -7.01
CA GLY A 259 2.42 10.04 -7.59
C GLY A 259 2.13 9.26 -8.85
N SER A 260 3.17 9.10 -9.68
CA SER A 260 3.22 8.13 -10.79
C SER A 260 3.32 6.72 -10.18
N LYS A 261 2.72 5.73 -10.87
CA LYS A 261 2.91 4.28 -10.65
C LYS A 261 4.39 3.91 -10.91
N LEU A 262 5.07 4.53 -11.87
CA LEU A 262 6.44 4.07 -12.23
C LEU A 262 7.48 4.66 -11.27
N GLY A 263 7.23 5.84 -10.71
CA GLY A 263 8.12 6.44 -9.71
C GLY A 263 8.01 5.69 -8.39
N TYR A 264 6.80 5.31 -8.00
CA TYR A 264 6.55 4.35 -6.89
C TYR A 264 7.45 3.10 -7.02
N LEU A 265 7.49 2.44 -8.17
CA LEU A 265 8.26 1.18 -8.34
C LEU A 265 9.76 1.48 -8.25
N LYS A 266 10.22 2.62 -8.75
CA LYS A 266 11.62 3.09 -8.55
C LYS A 266 11.91 3.10 -7.05
N ALA A 267 11.02 3.73 -6.25
CA ALA A 267 11.16 3.93 -4.79
C ALA A 267 11.21 2.56 -4.06
N VAL A 268 10.20 1.71 -4.26
CA VAL A 268 10.17 0.33 -3.70
C VAL A 268 11.54 -0.32 -3.95
N LEU A 269 12.00 -0.37 -5.20
CA LEU A 269 13.32 -0.94 -5.57
C LEU A 269 14.44 -0.30 -4.74
N HIS A 270 14.54 1.02 -4.76
CA HIS A 270 15.72 1.71 -4.19
C HIS A 270 15.68 1.62 -2.67
N TYR A 271 14.50 1.72 -2.05
CA TYR A 271 14.35 1.64 -0.57
C TYR A 271 14.49 0.19 -0.12
N GLY A 272 13.81 -0.73 -0.80
CA GLY A 272 13.99 -2.19 -0.64
C GLY A 272 15.46 -2.56 -0.51
N LEU A 273 16.29 -2.20 -1.51
CA LEU A 273 17.74 -2.56 -1.55
C LEU A 273 18.44 -2.04 -0.31
N GLU A 274 18.07 -0.84 0.16
CA GLU A 274 18.76 -0.08 1.24
C GLU A 274 18.10 -0.40 2.57
N HIS A 275 17.04 -1.21 2.57
CA HIS A 275 16.31 -1.58 3.81
C HIS A 275 17.28 -2.27 4.76
N PRO A 276 17.31 -1.81 6.01
CA PRO A 276 18.36 -2.26 6.93
C PRO A 276 18.34 -3.77 7.23
N LYS A 277 17.23 -4.48 6.98
CA LYS A 277 17.01 -5.92 7.35
C LYS A 277 16.69 -6.79 6.13
N LEU A 278 15.91 -6.29 5.18
CA LEU A 278 15.46 -7.06 3.98
C LEU A 278 16.37 -6.81 2.80
N GLY A 279 17.11 -5.69 2.80
CA GLY A 279 17.92 -5.27 1.64
C GLY A 279 18.59 -6.46 1.00
N MET A 280 19.35 -7.23 1.78
CA MET A 280 20.22 -8.29 1.24
C MET A 280 19.37 -9.44 0.69
N GLU A 281 18.30 -9.83 1.41
CA GLU A 281 17.42 -10.94 0.97
C GLU A 281 16.60 -10.46 -0.23
N PHE A 282 16.40 -9.15 -0.37
CA PHE A 282 15.61 -8.52 -1.47
C PHE A 282 16.45 -8.45 -2.73
N LYS A 283 17.69 -7.98 -2.65
CA LYS A 283 18.69 -8.18 -3.71
C LYS A 283 18.63 -9.64 -4.20
N GLN A 284 18.54 -10.61 -3.28
CA GLN A 284 18.55 -12.06 -3.63
C GLN A 284 17.36 -12.38 -4.53
N LEU A 285 16.17 -11.86 -4.20
CA LEU A 285 14.93 -12.03 -5.00
C LEU A 285 15.11 -11.48 -6.41
N ILE A 286 15.81 -10.33 -6.57
CA ILE A 286 16.11 -9.70 -7.89
C ILE A 286 16.99 -10.63 -8.72
N LEU A 287 18.17 -11.01 -8.21
CA LEU A 287 19.15 -11.91 -8.89
C LEU A 287 18.42 -13.13 -9.49
N GLU A 288 17.52 -13.74 -8.72
CA GLU A 288 16.82 -15.00 -9.08
C GLU A 288 15.83 -14.76 -10.23
N LEU A 289 15.68 -13.53 -10.74
CA LEU A 289 14.57 -13.17 -11.68
C LEU A 289 14.81 -13.77 -13.09
N LYS A 290 16.00 -14.32 -13.38
CA LYS A 290 16.32 -15.06 -14.63
C LYS A 290 17.79 -15.51 -14.62
N MET B 1 -22.51 -24.76 -10.39
CA MET B 1 -22.75 -25.44 -9.06
C MET B 1 -22.10 -24.64 -7.92
N ILE B 2 -20.79 -24.35 -7.96
CA ILE B 2 -20.04 -23.67 -6.85
C ILE B 2 -19.93 -22.14 -7.15
N LYS B 3 -20.76 -21.34 -6.48
CA LYS B 3 -21.01 -19.91 -6.82
C LYS B 3 -20.67 -18.96 -5.66
N LYS B 4 -20.50 -19.47 -4.43
CA LYS B 4 -20.23 -18.67 -3.20
C LYS B 4 -18.81 -18.93 -2.75
N ALA B 5 -18.13 -17.89 -2.30
CA ALA B 5 -16.78 -18.00 -1.71
C ALA B 5 -16.70 -17.12 -0.48
N VAL B 6 -16.21 -17.71 0.62
CA VAL B 6 -15.96 -17.05 1.93
C VAL B 6 -14.50 -16.59 1.90
N LEU B 7 -14.27 -15.29 2.10
CA LEU B 7 -12.93 -14.64 2.22
C LEU B 7 -12.82 -14.14 3.65
N PRO B 8 -12.09 -14.87 4.53
CA PRO B 8 -11.98 -14.47 5.92
C PRO B 8 -10.91 -13.37 6.04
N VAL B 9 -11.34 -12.13 6.30
CA VAL B 9 -10.47 -10.92 6.21
C VAL B 9 -10.54 -10.15 7.53
N ALA B 10 -11.02 -10.79 8.60
CA ALA B 10 -11.33 -10.16 9.91
C ALA B 10 -10.07 -10.05 10.75
N GLY B 11 -9.08 -10.88 10.44
CA GLY B 11 -7.83 -10.94 11.20
C GLY B 11 -6.97 -9.72 10.93
N LEU B 12 -6.45 -9.09 11.97
CA LEU B 12 -5.38 -8.06 11.88
C LEU B 12 -4.12 -8.76 11.39
N GLY B 13 -3.20 -8.03 10.79
CA GLY B 13 -1.93 -8.63 10.31
C GLY B 13 -0.75 -8.20 11.16
N THR B 14 -0.46 -8.91 12.24
CA THR B 14 0.75 -8.64 13.05
C THR B 14 2.01 -8.94 12.22
N ARG B 15 1.97 -9.80 11.19
CA ARG B 15 3.20 -10.16 10.42
C ARG B 15 3.53 -9.15 9.31
N PHE B 16 2.58 -8.35 8.81
CA PHE B 16 2.91 -7.26 7.85
C PHE B 16 2.61 -5.90 8.49
N LEU B 17 3.53 -5.53 9.38
CA LEU B 17 3.50 -4.33 10.24
C LEU B 17 4.82 -3.61 10.01
N PRO B 18 4.91 -2.26 10.03
CA PRO B 18 3.75 -1.38 10.22
C PRO B 18 2.88 -1.07 9.00
N ALA B 19 3.10 -1.74 7.88
CA ALA B 19 2.35 -1.52 6.62
C ALA B 19 0.84 -1.52 6.90
N SER B 20 0.40 -2.42 7.77
CA SER B 20 -1.03 -2.69 7.98
C SER B 20 -1.49 -2.03 9.27
N LYS B 21 -0.65 -1.17 9.82
CA LYS B 21 -0.98 -0.54 11.10
C LYS B 21 -2.33 0.16 10.96
N SER B 22 -2.54 1.06 9.99
CA SER B 22 -3.74 1.93 9.85
C SER B 22 -4.60 1.56 8.64
N ILE B 23 -4.21 0.55 7.88
CA ILE B 23 -5.00 -0.01 6.75
C ILE B 23 -5.02 -1.53 6.84
N PRO B 24 -6.07 -2.17 6.29
CA PRO B 24 -6.17 -3.62 6.29
C PRO B 24 -4.95 -4.22 5.58
N LYS B 25 -4.46 -5.36 6.06
CA LYS B 25 -3.32 -6.07 5.39
C LYS B 25 -3.73 -6.37 3.95
N GLU B 26 -5.03 -6.52 3.68
CA GLU B 26 -5.59 -6.88 2.34
C GLU B 26 -5.57 -5.70 1.34
N MET B 27 -5.41 -4.46 1.82
CA MET B 27 -5.46 -3.22 1.00
C MET B 27 -4.03 -2.73 0.74
N VAL B 28 -3.03 -3.50 1.16
CA VAL B 28 -1.60 -3.19 0.87
C VAL B 28 -1.40 -3.33 -0.63
N THR B 29 -0.56 -2.47 -1.21
CA THR B 29 -0.53 -2.23 -2.66
C THR B 29 0.52 -3.18 -3.23
N VAL B 30 0.09 -4.00 -4.19
CA VAL B 30 0.91 -4.94 -5.00
C VAL B 30 0.94 -4.36 -6.42
N VAL B 31 1.97 -3.57 -6.69
CA VAL B 31 2.27 -2.90 -7.98
C VAL B 31 1.43 -1.64 -8.06
N ASP B 32 0.09 -1.74 -8.21
CA ASP B 32 -0.77 -0.54 -8.44
C ASP B 32 -2.19 -0.76 -7.92
N ARG B 33 -2.41 -1.76 -7.09
CA ARG B 33 -3.76 -2.15 -6.64
C ARG B 33 -3.61 -2.97 -5.36
N PRO B 34 -4.65 -3.00 -4.52
CA PRO B 34 -4.62 -3.75 -3.29
C PRO B 34 -4.54 -5.24 -3.60
N ALA B 35 -3.93 -5.98 -2.68
CA ALA B 35 -3.70 -7.45 -2.77
C ALA B 35 -5.04 -8.19 -2.82
N ILE B 36 -6.08 -7.66 -2.18
CA ILE B 36 -7.39 -8.35 -2.17
C ILE B 36 -7.93 -8.42 -3.62
N GLU B 37 -7.53 -7.53 -4.52
CA GLU B 37 -8.09 -7.52 -5.89
C GLU B 37 -7.62 -8.79 -6.60
N TYR B 38 -6.38 -9.23 -6.37
CA TYR B 38 -5.85 -10.43 -7.06
C TYR B 38 -6.62 -11.69 -6.65
N VAL B 39 -7.15 -11.68 -5.43
CA VAL B 39 -7.81 -12.81 -4.77
C VAL B 39 -9.25 -12.81 -5.25
N VAL B 40 -9.92 -11.65 -5.22
CA VAL B 40 -11.31 -11.55 -5.75
C VAL B 40 -11.32 -11.88 -7.25
N ARG B 41 -10.48 -11.25 -8.06
CA ARG B 41 -10.20 -11.68 -9.46
C ARG B 41 -10.14 -13.21 -9.55
N GLU B 42 -9.21 -13.85 -8.82
CA GLU B 42 -8.98 -15.32 -8.84
C GLU B 42 -10.32 -16.04 -8.73
N ALA B 43 -11.14 -15.67 -7.75
CA ALA B 43 -12.44 -16.30 -7.46
C ALA B 43 -13.37 -16.11 -8.66
N VAL B 44 -13.50 -14.88 -9.15
CA VAL B 44 -14.44 -14.53 -10.25
C VAL B 44 -14.03 -15.22 -11.56
N GLU B 45 -12.73 -15.31 -11.84
CA GLU B 45 -12.24 -15.97 -13.07
C GLU B 45 -12.44 -17.49 -12.99
N ALA B 46 -12.94 -18.00 -11.87
CA ALA B 46 -13.21 -19.45 -11.62
C ALA B 46 -14.70 -19.63 -11.30
N GLY B 47 -15.52 -18.61 -11.58
CA GLY B 47 -16.99 -18.77 -11.66
C GLY B 47 -17.71 -18.40 -10.38
N ILE B 48 -17.06 -17.76 -9.41
CA ILE B 48 -17.76 -17.25 -8.18
C ILE B 48 -18.70 -16.11 -8.58
N GLU B 49 -19.76 -15.87 -7.82
CA GLU B 49 -20.76 -14.80 -8.09
C GLU B 49 -21.22 -14.13 -6.79
N GLN B 50 -20.96 -14.72 -5.62
CA GLN B 50 -21.20 -14.06 -4.31
C GLN B 50 -19.90 -14.13 -3.50
N ILE B 51 -19.08 -13.07 -3.50
CA ILE B 51 -17.88 -12.92 -2.63
C ILE B 51 -18.35 -12.55 -1.22
N ILE B 52 -18.12 -13.43 -0.23
CA ILE B 52 -18.58 -13.24 1.18
C ILE B 52 -17.41 -12.84 2.05
N LEU B 53 -17.28 -11.56 2.38
CA LEU B 53 -16.21 -11.08 3.26
C LEU B 53 -16.67 -11.32 4.69
N VAL B 54 -15.95 -12.16 5.42
CA VAL B 54 -16.04 -12.23 6.90
C VAL B 54 -14.99 -11.24 7.42
N THR B 55 -15.47 -10.13 7.99
CA THR B 55 -14.68 -8.89 8.14
C THR B 55 -14.69 -8.37 9.59
N HIS B 56 -13.98 -7.27 9.79
CA HIS B 56 -13.77 -6.63 11.10
C HIS B 56 -14.16 -5.15 10.99
N SER B 57 -14.44 -4.48 12.10
CA SER B 57 -14.84 -3.05 12.14
C SER B 57 -13.78 -2.12 11.51
N SER B 58 -12.53 -2.54 11.41
CA SER B 58 -11.39 -1.69 11.00
C SER B 58 -11.21 -1.69 9.47
N LYS B 59 -12.09 -2.36 8.72
CA LYS B 59 -11.88 -2.77 7.28
C LYS B 59 -13.01 -2.33 6.33
N ALA B 60 -13.66 -1.18 6.55
CA ALA B 60 -14.60 -0.56 5.59
C ALA B 60 -13.91 -0.41 4.22
N SER B 61 -12.63 -0.02 4.25
CA SER B 61 -11.87 0.29 3.01
C SER B 61 -11.87 -0.93 2.06
N ILE B 62 -11.98 -2.15 2.58
CA ILE B 62 -12.14 -3.35 1.70
C ILE B 62 -13.52 -3.31 1.04
N GLU B 63 -14.61 -3.12 1.78
CA GLU B 63 -15.97 -3.07 1.19
C GLU B 63 -16.00 -1.91 0.18
N ASN B 64 -15.54 -0.73 0.59
CA ASN B 64 -15.48 0.50 -0.24
C ASN B 64 -14.84 0.23 -1.63
N TYR B 65 -13.72 -0.48 -1.67
CA TYR B 65 -12.94 -0.77 -2.90
C TYR B 65 -13.85 -1.43 -3.94
N PHE B 66 -14.82 -2.25 -3.55
CA PHE B 66 -15.72 -2.94 -4.51
C PHE B 66 -17.04 -2.17 -4.58
N ASP B 67 -17.07 -0.94 -4.08
CA ASP B 67 -18.28 -0.07 -4.14
C ASP B 67 -17.89 1.14 -4.98
N ARG B 68 -18.82 2.05 -5.23
CA ARG B 68 -18.56 3.25 -6.05
C ARG B 68 -18.22 4.40 -5.11
N ASN B 69 -17.29 5.25 -5.52
CA ASN B 69 -16.80 6.42 -4.75
C ASN B 69 -17.31 7.71 -5.42
N PHE B 70 -18.47 8.23 -5.01
CA PHE B 70 -19.10 9.43 -5.64
C PHE B 70 -18.04 10.53 -5.88
N GLU B 71 -17.39 11.07 -4.86
CA GLU B 71 -16.56 12.29 -5.03
C GLU B 71 -15.42 11.99 -6.00
N LEU B 72 -14.82 10.80 -5.95
CA LEU B 72 -13.65 10.49 -6.81
C LEU B 72 -14.15 10.29 -8.25
N GLU B 73 -15.28 9.63 -8.44
CA GLU B 73 -15.82 9.42 -9.80
C GLU B 73 -16.10 10.78 -10.44
N THR B 74 -16.87 11.64 -9.76
CA THR B 74 -17.35 12.91 -10.36
C THR B 74 -16.32 14.01 -10.09
N THR B 75 -15.03 13.65 -10.06
CA THR B 75 -13.86 14.53 -10.34
C THR B 75 -12.89 13.76 -11.24
N LEU B 76 -13.41 12.74 -11.92
CA LEU B 76 -12.79 12.13 -13.12
C LEU B 76 -13.75 12.43 -14.28
N GLU B 77 -14.85 13.13 -14.02
CA GLU B 77 -15.76 13.67 -15.07
C GLU B 77 -15.57 15.19 -15.21
N GLN B 78 -15.43 15.91 -14.08
CA GLN B 78 -14.95 17.33 -14.02
C GLN B 78 -13.61 17.47 -14.74
N LYS B 79 -12.61 16.66 -14.38
CA LYS B 79 -11.47 16.35 -15.28
C LYS B 79 -12.03 15.41 -16.36
N LYS B 80 -11.26 15.09 -17.38
CA LYS B 80 -11.77 14.28 -18.51
C LYS B 80 -10.93 12.99 -18.61
N LYS B 81 -10.74 12.27 -17.49
CA LYS B 81 -9.84 11.08 -17.36
C LYS B 81 -10.68 9.78 -17.25
N PHE B 82 -11.21 9.29 -18.38
CA PHE B 82 -12.21 8.19 -18.45
C PHE B 82 -11.49 6.83 -18.49
N ASP B 83 -10.19 6.80 -18.80
CA ASP B 83 -9.32 5.59 -18.72
C ASP B 83 -9.26 5.10 -17.26
N LEU B 84 -9.07 6.05 -16.34
CA LEU B 84 -8.99 5.85 -14.89
C LEU B 84 -10.39 5.51 -14.39
N LEU B 85 -11.38 6.37 -14.61
CA LEU B 85 -12.80 6.07 -14.28
C LEU B 85 -13.16 4.61 -14.61
N ALA B 86 -12.52 4.00 -15.63
CA ALA B 86 -12.68 2.57 -16.01
C ALA B 86 -12.05 1.65 -14.96
N GLU B 87 -10.89 2.03 -14.45
CA GLU B 87 -10.10 1.25 -13.46
C GLU B 87 -10.77 1.26 -12.07
N ILE B 88 -11.66 2.20 -11.74
CA ILE B 88 -12.34 2.29 -10.39
C ILE B 88 -13.81 1.90 -10.46
N THR B 89 -14.42 1.76 -11.64
CA THR B 89 -15.87 1.40 -11.82
C THR B 89 -16.04 -0.10 -12.04
N GLN B 90 -15.18 -0.73 -12.83
CA GLN B 90 -15.46 -2.08 -13.39
C GLN B 90 -14.57 -3.08 -12.66
N ILE B 91 -14.68 -3.17 -11.33
CA ILE B 91 -13.67 -3.93 -10.54
C ILE B 91 -14.05 -5.40 -10.68
N VAL B 92 -15.35 -5.66 -10.54
CA VAL B 92 -15.97 -6.99 -10.68
C VAL B 92 -17.28 -6.82 -11.48
N PRO B 93 -17.63 -7.81 -12.34
CA PRO B 93 -18.87 -7.79 -13.11
C PRO B 93 -20.15 -7.37 -12.36
N GLU B 94 -21.15 -6.85 -13.09
CA GLU B 94 -22.43 -6.33 -12.51
C GLU B 94 -23.08 -7.48 -11.74
N HIS B 95 -22.87 -8.71 -12.20
CA HIS B 95 -23.55 -9.93 -11.68
C HIS B 95 -22.84 -10.52 -10.45
N VAL B 96 -21.55 -10.21 -10.21
CA VAL B 96 -20.84 -10.51 -8.94
C VAL B 96 -21.30 -9.54 -7.85
N SER B 97 -21.72 -10.09 -6.72
CA SER B 97 -22.11 -9.33 -5.51
C SER B 97 -21.05 -9.54 -4.43
N VAL B 98 -20.77 -8.48 -3.67
CA VAL B 98 -19.90 -8.47 -2.47
C VAL B 98 -20.79 -8.37 -1.24
N ILE B 99 -20.81 -9.38 -0.37
CA ILE B 99 -21.56 -9.40 0.93
C ILE B 99 -20.59 -9.28 2.12
N SER B 100 -21.05 -8.72 3.24
CA SER B 100 -20.27 -8.55 4.48
C SER B 100 -21.05 -9.15 5.62
N VAL B 101 -20.32 -9.87 6.48
CA VAL B 101 -20.76 -10.35 7.81
C VAL B 101 -19.57 -10.07 8.71
N ARG B 102 -19.82 -9.65 9.96
CA ARG B 102 -18.71 -9.35 10.92
C ARG B 102 -18.36 -10.62 11.70
N GLN B 103 -17.05 -10.87 11.90
CA GLN B 103 -16.52 -11.83 12.90
C GLN B 103 -16.47 -11.10 14.24
N PRO B 104 -17.37 -11.40 15.19
CA PRO B 104 -17.43 -10.66 16.44
C PRO B 104 -16.03 -10.54 17.08
N GLN B 105 -15.36 -11.69 17.28
CA GLN B 105 -14.03 -11.83 17.95
C GLN B 105 -13.14 -12.80 17.18
N PRO B 106 -11.81 -12.63 17.24
CA PRO B 106 -10.88 -13.44 16.46
C PRO B 106 -10.67 -14.87 17.00
N LEU B 107 -11.68 -15.72 16.92
CA LEU B 107 -11.66 -17.09 17.48
C LEU B 107 -11.22 -18.11 16.41
N GLY B 108 -10.41 -17.72 15.43
CA GLY B 108 -9.81 -18.65 14.43
C GLY B 108 -10.53 -18.77 13.09
N LEU B 109 -9.85 -19.36 12.12
CA LEU B 109 -10.36 -19.53 10.74
C LEU B 109 -11.70 -20.26 10.76
N GLY B 110 -11.83 -21.29 11.59
CA GLY B 110 -13.01 -22.18 11.56
C GLY B 110 -14.23 -21.40 12.01
N HIS B 111 -14.00 -20.48 12.94
CA HIS B 111 -15.01 -19.54 13.49
C HIS B 111 -15.41 -18.52 12.42
N ALA B 112 -14.43 -18.02 11.67
CA ALA B 112 -14.61 -17.08 10.55
C ALA B 112 -15.60 -17.71 9.57
N VAL B 113 -15.22 -18.83 8.94
CA VAL B 113 -16.13 -19.61 8.06
C VAL B 113 -17.50 -19.76 8.74
N LEU B 114 -17.58 -20.11 10.01
CA LEU B 114 -18.92 -20.38 10.60
C LEU B 114 -19.80 -19.12 10.64
N CYS B 115 -19.20 -17.92 10.68
CA CYS B 115 -19.91 -16.61 10.74
C CYS B 115 -20.70 -16.42 9.44
N ALA B 116 -20.23 -17.09 8.38
CA ALA B 116 -20.81 -17.09 7.01
C ALA B 116 -22.01 -18.04 6.86
N LYS B 117 -22.42 -18.78 7.90
CA LYS B 117 -23.44 -19.88 7.81
C LYS B 117 -24.79 -19.35 7.30
N SER B 118 -25.22 -18.17 7.77
CA SER B 118 -26.49 -17.49 7.38
C SER B 118 -26.57 -17.28 5.86
N VAL B 119 -25.43 -17.07 5.20
CA VAL B 119 -25.32 -16.55 3.81
C VAL B 119 -25.10 -17.73 2.87
N VAL B 120 -24.32 -18.72 3.29
CA VAL B 120 -23.99 -19.93 2.46
C VAL B 120 -25.22 -20.86 2.37
N GLY B 121 -26.13 -20.84 3.35
CA GLY B 121 -27.25 -21.79 3.48
C GLY B 121 -26.83 -23.23 3.15
N GLU B 122 -27.51 -23.87 2.20
CA GLU B 122 -27.33 -25.29 1.82
C GLU B 122 -26.29 -25.36 0.69
N ASP B 123 -25.91 -24.23 0.08
CA ASP B 123 -24.96 -24.23 -1.08
C ASP B 123 -23.60 -24.76 -0.62
N ASP B 124 -22.94 -25.57 -1.43
CA ASP B 124 -21.50 -25.88 -1.25
C ASP B 124 -20.78 -24.53 -1.42
N PHE B 125 -19.47 -24.45 -1.17
CA PHE B 125 -18.78 -23.14 -1.22
C PHE B 125 -17.28 -23.30 -1.29
N ALA B 126 -16.61 -22.26 -1.79
CA ALA B 126 -15.13 -22.12 -1.79
C ALA B 126 -14.72 -21.30 -0.56
N VAL B 127 -13.50 -21.54 -0.08
CA VAL B 127 -12.84 -20.70 0.97
C VAL B 127 -11.53 -20.25 0.34
N LEU B 128 -11.22 -18.96 0.46
CA LEU B 128 -10.04 -18.29 -0.15
C LEU B 128 -9.41 -17.41 0.93
N LEU B 129 -8.16 -17.68 1.27
CA LEU B 129 -7.45 -16.92 2.33
C LEU B 129 -6.78 -15.76 1.63
N PRO B 130 -7.24 -14.52 1.86
CA PRO B 130 -6.72 -13.38 1.13
C PRO B 130 -5.22 -13.11 1.29
N ASP B 131 -4.56 -13.48 2.37
CA ASP B 131 -3.13 -13.09 2.44
C ASP B 131 -2.29 -14.01 1.56
N VAL B 132 -2.86 -15.09 0.99
CA VAL B 132 -2.12 -15.86 -0.03
C VAL B 132 -2.58 -15.42 -1.41
N LEU B 133 -1.65 -15.04 -2.26
CA LEU B 133 -1.87 -14.75 -3.70
C LEU B 133 -1.49 -16.00 -4.48
N VAL B 134 -2.26 -16.35 -5.52
CA VAL B 134 -1.99 -17.51 -6.42
C VAL B 134 -1.90 -17.06 -7.88
N LYS B 135 -0.78 -17.35 -8.55
CA LYS B 135 -0.54 -16.95 -9.96
C LYS B 135 -0.51 -18.19 -10.88
N ASP B 136 -1.44 -18.22 -11.85
CA ASP B 136 -1.64 -19.25 -12.91
C ASP B 136 -0.83 -18.87 -14.15
N GLY B 137 -0.31 -19.86 -14.89
CA GLY B 137 0.39 -19.70 -16.18
C GLY B 137 -0.42 -20.23 -17.36
N SER B 138 -1.59 -20.82 -17.11
CA SER B 138 -2.51 -21.41 -18.13
C SER B 138 -3.73 -20.49 -18.34
N GLY B 139 -4.85 -21.06 -18.78
CA GLY B 139 -6.15 -20.36 -18.91
C GLY B 139 -7.18 -20.88 -17.93
N GLN B 140 -6.81 -21.87 -17.09
CA GLN B 140 -7.66 -22.41 -16.00
C GLN B 140 -6.88 -22.28 -14.69
N ASN B 141 -7.31 -21.39 -13.78
CA ASN B 141 -6.55 -21.09 -12.54
C ASN B 141 -6.87 -22.20 -11.53
N ASP B 142 -5.99 -22.42 -10.54
CA ASP B 142 -5.98 -23.66 -9.74
C ASP B 142 -7.30 -23.75 -8.98
N LEU B 143 -7.89 -22.60 -8.61
CA LEU B 143 -9.22 -22.60 -7.95
C LEU B 143 -10.26 -23.24 -8.88
N SER B 144 -10.25 -22.91 -10.17
CA SER B 144 -11.16 -23.49 -11.21
C SER B 144 -10.89 -24.99 -11.39
N ARG B 145 -9.61 -25.40 -11.57
CA ARG B 145 -9.23 -26.85 -11.64
C ARG B 145 -9.86 -27.56 -10.42
N MET B 146 -9.67 -26.98 -9.25
CA MET B 146 -10.09 -27.56 -7.96
C MET B 146 -11.62 -27.62 -7.90
N ILE B 147 -12.32 -26.58 -8.33
CA ILE B 147 -13.81 -26.55 -8.31
C ILE B 147 -14.36 -27.62 -9.27
N SER B 148 -13.82 -27.76 -10.48
CA SER B 148 -14.36 -28.77 -11.44
C SER B 148 -14.13 -30.18 -10.86
N ARG B 149 -13.04 -30.39 -10.11
CA ARG B 149 -12.76 -31.70 -9.46
C ARG B 149 -13.78 -31.93 -8.34
N TYR B 150 -14.14 -30.90 -7.56
CA TYR B 150 -15.19 -31.05 -6.51
C TYR B 150 -16.41 -31.49 -7.29
N ASN B 151 -16.74 -30.74 -8.35
CA ASN B 151 -18.06 -30.84 -9.04
C ASN B 151 -18.25 -32.31 -9.48
N SER B 152 -17.31 -32.91 -10.21
CA SER B 152 -17.38 -34.33 -10.60
C SER B 152 -17.27 -35.22 -9.35
N SER B 153 -16.17 -35.18 -8.59
CA SER B 153 -15.79 -36.19 -7.54
C SER B 153 -16.72 -36.12 -6.31
N GLN B 154 -17.21 -34.93 -5.97
CA GLN B 154 -18.11 -34.62 -4.81
C GLN B 154 -17.30 -34.71 -3.50
N ALA B 155 -15.99 -34.88 -3.62
CA ALA B 155 -15.02 -34.92 -2.50
C ALA B 155 -14.55 -33.50 -2.21
N ALA B 156 -14.60 -33.07 -0.94
CA ALA B 156 -13.99 -31.80 -0.46
C ALA B 156 -12.55 -31.70 -0.99
N GLN B 157 -12.10 -30.49 -1.32
CA GLN B 157 -10.76 -30.25 -1.91
C GLN B 157 -9.98 -29.22 -1.08
N ILE B 158 -8.67 -29.46 -0.99
CA ILE B 158 -7.70 -28.69 -0.17
C ILE B 158 -6.48 -28.47 -1.02
N MET B 159 -6.26 -27.23 -1.45
CA MET B 159 -5.13 -26.91 -2.35
C MET B 159 -3.84 -27.11 -1.53
N VAL B 160 -2.83 -27.75 -2.16
CA VAL B 160 -1.53 -28.00 -1.50
C VAL B 160 -0.41 -27.77 -2.51
N GLU B 161 0.77 -27.50 -1.97
CA GLU B 161 2.01 -27.37 -2.77
C GLU B 161 3.16 -27.94 -1.91
N ALA B 162 4.12 -28.55 -2.59
CA ALA B 162 5.32 -29.17 -1.99
C ALA B 162 6.22 -28.07 -1.44
N VAL B 163 6.85 -28.34 -0.30
CA VAL B 163 7.84 -27.44 0.35
C VAL B 163 9.13 -28.22 0.54
N PRO B 164 10.29 -27.55 0.64
CA PRO B 164 11.51 -28.24 1.02
C PRO B 164 11.26 -28.99 2.33
N ASP B 165 11.99 -30.09 2.55
CA ASP B 165 11.78 -31.03 3.69
C ASP B 165 12.07 -30.29 5.00
N HIS B 166 12.94 -29.29 4.95
CA HIS B 166 13.47 -28.58 6.15
C HIS B 166 12.53 -27.48 6.61
N LEU B 167 11.35 -27.35 6.00
CA LEU B 167 10.38 -26.26 6.31
C LEU B 167 8.99 -26.87 6.48
N VAL B 168 8.80 -28.18 6.32
CA VAL B 168 7.49 -28.80 6.63
C VAL B 168 7.01 -28.27 7.99
N ASP B 169 7.95 -27.90 8.88
CA ASP B 169 7.67 -27.49 10.29
C ASP B 169 7.00 -26.10 10.35
N GLN B 170 6.82 -25.41 9.21
CA GLN B 170 6.24 -24.03 9.13
C GLN B 170 4.78 -24.04 8.69
N TYR B 171 4.21 -25.20 8.34
CA TYR B 171 2.98 -25.33 7.51
C TYR B 171 2.06 -26.42 8.03
N GLY B 172 0.76 -26.30 7.79
CA GLY B 172 -0.12 -27.47 7.74
C GLY B 172 0.36 -28.38 6.62
N ILE B 173 0.43 -29.69 6.82
CA ILE B 173 0.93 -30.66 5.80
C ILE B 173 -0.08 -31.81 5.77
N VAL B 174 -0.34 -32.38 4.60
CA VAL B 174 -1.46 -33.34 4.41
C VAL B 174 -0.94 -34.75 4.60
N ASP B 175 -1.80 -35.62 5.14
CA ASP B 175 -1.52 -37.06 5.33
C ASP B 175 -2.04 -37.75 4.08
N VAL B 176 -1.12 -38.20 3.24
CA VAL B 176 -1.45 -38.66 1.86
C VAL B 176 -0.49 -39.81 1.54
N ALA B 177 -0.98 -40.93 1.02
CA ALA B 177 -0.17 -42.11 0.64
C ALA B 177 0.94 -41.65 -0.33
N GLN B 178 0.55 -41.35 -1.57
CA GLN B 178 1.42 -40.87 -2.69
C GLN B 178 1.08 -39.40 -3.02
N SER B 179 2.08 -38.60 -3.42
CA SER B 179 1.90 -37.21 -3.93
C SER B 179 1.24 -37.22 -5.31
N PRO B 180 0.09 -36.55 -5.48
CA PRO B 180 -0.52 -36.47 -6.80
C PRO B 180 0.38 -35.67 -7.77
N ASN B 181 0.05 -35.69 -9.06
CA ASN B 181 0.69 -34.82 -10.08
C ASN B 181 0.19 -33.37 -9.96
N GLU B 182 1.03 -32.40 -10.30
CA GLU B 182 0.59 -31.00 -10.50
C GLU B 182 -0.73 -31.09 -11.29
N GLY B 183 -1.84 -30.62 -10.74
CA GLY B 183 -3.11 -30.45 -11.46
C GLY B 183 -4.18 -31.46 -11.05
N GLU B 184 -3.87 -32.44 -10.21
CA GLU B 184 -4.79 -33.56 -9.85
C GLU B 184 -4.83 -33.73 -8.33
N SER B 185 -5.82 -34.48 -7.83
CA SER B 185 -6.08 -34.73 -6.38
C SER B 185 -5.81 -36.21 -6.01
N ILE B 186 -5.40 -36.48 -4.76
CA ILE B 186 -5.45 -37.83 -4.10
C ILE B 186 -6.37 -37.69 -2.92
N ALA B 187 -6.87 -38.84 -2.44
CA ALA B 187 -7.46 -39.02 -1.09
C ALA B 187 -6.44 -38.60 -0.01
N MET B 188 -6.94 -38.01 1.08
CA MET B 188 -6.16 -37.57 2.27
C MET B 188 -6.93 -37.96 3.53
N GLN B 189 -6.20 -38.22 4.64
CA GLN B 189 -6.74 -38.76 5.91
C GLN B 189 -6.83 -37.66 6.96
N GLY B 190 -5.94 -36.66 6.91
CA GLY B 190 -5.97 -35.51 7.80
C GLY B 190 -4.81 -34.54 7.57
N ILE B 191 -4.77 -33.47 8.37
CA ILE B 191 -3.71 -32.43 8.33
C ILE B 191 -2.98 -32.49 9.68
N VAL B 192 -1.65 -32.47 9.66
CA VAL B 192 -0.79 -32.35 10.87
C VAL B 192 -0.25 -30.91 10.90
N GLU B 193 -0.53 -30.17 11.96
CA GLU B 193 -0.08 -28.76 12.08
C GLU B 193 1.37 -28.76 12.53
N LYS B 194 2.27 -28.18 11.72
CA LYS B 194 3.66 -27.85 12.10
C LYS B 194 4.39 -29.09 12.60
N PRO B 195 4.32 -30.24 11.90
CA PRO B 195 5.00 -31.46 12.35
C PRO B 195 6.50 -31.24 12.39
N PRO B 196 7.24 -31.88 13.33
CA PRO B 196 8.67 -31.63 13.46
C PRO B 196 9.38 -32.12 12.19
N VAL B 197 10.48 -31.44 11.82
CA VAL B 197 11.19 -31.57 10.51
C VAL B 197 11.48 -33.05 10.17
N GLY B 198 11.28 -33.99 11.10
CA GLY B 198 11.49 -35.43 10.83
C GLY B 198 10.23 -36.18 10.39
N ALA B 199 9.08 -35.94 11.05
CA ALA B 199 7.95 -36.90 11.15
C ALA B 199 6.70 -36.41 10.41
N ALA B 200 6.87 -35.88 9.19
CA ALA B 200 5.78 -35.43 8.31
C ALA B 200 5.37 -36.56 7.36
N PRO B 201 4.05 -36.76 7.12
CA PRO B 201 3.57 -37.77 6.17
C PRO B 201 3.54 -37.36 4.68
N SER B 202 4.18 -36.24 4.33
CA SER B 202 4.33 -35.68 2.96
C SER B 202 5.13 -34.37 3.05
N ASN B 203 5.42 -33.77 1.90
CA ASN B 203 6.04 -32.42 1.83
C ASN B 203 5.02 -31.42 1.23
N LEU B 204 3.73 -31.74 1.25
CA LEU B 204 2.63 -30.97 0.58
C LEU B 204 1.95 -30.06 1.61
N SER B 205 2.24 -28.75 1.61
CA SER B 205 1.65 -27.75 2.56
C SER B 205 0.22 -27.34 2.13
N VAL B 206 -0.65 -27.13 3.11
CA VAL B 206 -2.01 -26.53 2.92
C VAL B 206 -1.80 -25.05 2.62
N VAL B 207 -2.17 -24.64 1.42
CA VAL B 207 -1.82 -23.34 0.78
C VAL B 207 -2.84 -22.28 1.19
N GLY B 208 -4.10 -22.66 1.46
CA GLY B 208 -5.14 -21.71 1.91
C GLY B 208 -6.22 -21.44 0.86
N ARG B 209 -6.68 -22.48 0.16
CA ARG B 209 -7.81 -22.50 -0.79
C ARG B 209 -8.54 -23.83 -0.58
N TYR B 210 -9.84 -23.78 -0.31
CA TYR B 210 -10.70 -24.96 -0.06
C TYR B 210 -11.99 -24.87 -0.89
N VAL B 211 -12.53 -26.04 -1.24
CA VAL B 211 -13.95 -26.24 -1.66
C VAL B 211 -14.54 -27.28 -0.71
N LEU B 212 -15.65 -26.94 -0.08
CA LEU B 212 -16.28 -27.68 1.06
C LEU B 212 -17.79 -27.73 0.85
N PRO B 213 -18.47 -28.80 1.29
CA PRO B 213 -19.93 -28.80 1.36
C PRO B 213 -20.55 -27.98 2.51
N ALA B 214 -21.81 -27.58 2.35
CA ALA B 214 -22.62 -26.91 3.40
C ALA B 214 -22.52 -27.66 4.74
N LYS B 215 -22.56 -29.01 4.69
CA LYS B 215 -22.38 -29.98 5.82
C LYS B 215 -21.43 -29.41 6.88
N ILE B 216 -20.29 -28.84 6.47
CA ILE B 216 -19.16 -28.48 7.39
C ILE B 216 -19.59 -27.39 8.37
N MET B 217 -20.64 -26.62 8.06
CA MET B 217 -21.12 -25.58 9.00
C MET B 217 -21.64 -26.30 10.26
N GLN B 218 -22.48 -27.33 10.07
CA GLN B 218 -22.89 -28.25 11.19
C GLN B 218 -21.63 -28.73 11.92
N LEU B 219 -20.71 -29.39 11.23
CA LEU B 219 -19.44 -29.88 11.83
C LEU B 219 -18.79 -28.76 12.64
N LEU B 220 -18.72 -27.53 12.10
CA LEU B 220 -18.00 -26.42 12.79
C LEU B 220 -18.74 -26.01 14.08
N GLU B 221 -20.06 -26.17 14.12
CA GLU B 221 -20.85 -25.90 15.36
C GLU B 221 -20.41 -26.86 16.49
N ASN B 222 -19.79 -28.02 16.17
CA ASN B 222 -19.54 -29.13 17.13
C ASN B 222 -18.07 -29.57 17.14
N THR B 223 -17.10 -28.64 17.20
CA THR B 223 -15.66 -28.96 17.35
C THR B 223 -15.22 -28.70 18.80
N PRO B 224 -14.09 -29.30 19.25
CA PRO B 224 -13.28 -28.71 20.32
C PRO B 224 -12.54 -27.46 19.82
N GLU B 230 -11.56 -21.68 20.94
CA GLU B 230 -11.11 -21.68 19.52
C GLU B 230 -11.85 -22.78 18.73
N ILE B 231 -12.36 -22.42 17.55
CA ILE B 231 -12.90 -23.38 16.53
C ILE B 231 -11.96 -23.34 15.32
N GLN B 232 -11.25 -24.46 15.07
CA GLN B 232 -10.26 -24.57 13.96
C GLN B 232 -10.84 -25.47 12.86
N LEU B 233 -10.71 -25.01 11.62
CA LEU B 233 -11.29 -25.64 10.40
C LEU B 233 -10.90 -27.12 10.30
N THR B 234 -9.60 -27.42 10.30
CA THR B 234 -8.99 -28.78 10.12
C THR B 234 -9.67 -29.84 10.99
N ASP B 235 -10.13 -29.45 12.18
CA ASP B 235 -10.94 -30.31 13.10
C ASP B 235 -12.23 -30.70 12.38
N ALA B 236 -12.98 -29.74 11.86
CA ALA B 236 -14.23 -29.98 11.11
C ALA B 236 -13.94 -30.80 9.84
N ILE B 237 -12.78 -30.58 9.22
CA ILE B 237 -12.36 -31.31 7.97
C ILE B 237 -12.14 -32.79 8.33
N ALA B 238 -11.50 -33.06 9.48
CA ALA B 238 -11.26 -34.42 10.01
C ALA B 238 -12.61 -35.08 10.28
N MET B 239 -13.48 -34.39 11.03
CA MET B 239 -14.86 -34.84 11.30
C MET B 239 -15.55 -35.21 9.96
N LEU B 240 -15.28 -34.46 8.89
CA LEU B 240 -15.83 -34.75 7.54
C LEU B 240 -15.30 -36.11 7.05
N GLN B 241 -14.02 -36.44 7.27
CA GLN B 241 -13.44 -37.77 6.94
C GLN B 241 -14.38 -38.93 7.34
N ASP B 242 -14.97 -38.84 8.53
CA ASP B 242 -15.76 -39.92 9.16
C ASP B 242 -17.08 -40.17 8.39
N THR B 243 -17.38 -39.42 7.32
CA THR B 243 -18.64 -39.57 6.52
C THR B 243 -18.33 -39.61 5.02
N ASP B 244 -17.47 -38.70 4.51
CA ASP B 244 -17.22 -38.48 3.06
C ASP B 244 -15.72 -38.70 2.75
N THR B 245 -15.40 -38.84 1.47
CA THR B 245 -14.03 -38.76 0.91
C THR B 245 -13.59 -37.29 0.91
N VAL B 246 -12.32 -37.01 1.22
CA VAL B 246 -11.75 -35.63 1.16
C VAL B 246 -10.40 -35.68 0.44
N GLU B 247 -10.25 -34.99 -0.70
CA GLU B 247 -9.04 -35.07 -1.55
C GLU B 247 -8.19 -33.80 -1.37
N ALA B 248 -6.87 -33.96 -1.45
CA ALA B 248 -5.89 -32.87 -1.48
C ALA B 248 -5.55 -32.57 -2.94
N TYR B 249 -5.76 -31.33 -3.38
CA TYR B 249 -5.51 -30.88 -4.78
C TYR B 249 -4.11 -30.27 -4.83
N ARG B 250 -3.33 -30.63 -5.84
CA ARG B 250 -1.94 -30.15 -5.98
C ARG B 250 -1.87 -29.09 -7.08
N MET B 251 -1.57 -27.86 -6.72
CA MET B 251 -1.69 -26.70 -7.63
C MET B 251 -0.59 -26.73 -8.67
N GLN B 252 -0.95 -26.26 -9.87
CA GLN B 252 -0.07 -26.05 -11.05
C GLN B 252 0.64 -24.70 -10.90
N GLY B 253 0.02 -23.75 -10.19
CA GLY B 253 0.51 -22.38 -10.11
C GLY B 253 1.59 -22.19 -9.05
N GLN B 254 1.83 -20.92 -8.72
CA GLN B 254 2.85 -20.44 -7.77
C GLN B 254 2.15 -19.59 -6.70
N THR B 255 2.66 -19.56 -5.46
CA THR B 255 2.08 -18.79 -4.31
C THR B 255 3.01 -17.63 -3.88
N PHE B 256 2.43 -16.64 -3.22
CA PHE B 256 3.14 -15.58 -2.45
C PHE B 256 2.32 -15.32 -1.19
N ASP B 257 2.97 -15.45 -0.02
CA ASP B 257 2.35 -15.10 1.28
C ASP B 257 2.60 -13.61 1.41
N CYS B 258 1.58 -12.78 1.14
CA CYS B 258 1.66 -11.30 1.27
C CYS B 258 1.62 -10.91 2.75
N GLY B 259 1.47 -11.91 3.63
CA GLY B 259 1.63 -11.78 5.09
C GLY B 259 3.08 -11.57 5.48
N SER B 260 4.02 -12.35 4.93
CA SER B 260 5.48 -12.19 5.19
C SER B 260 6.06 -11.07 4.31
N LYS B 261 6.94 -10.24 4.90
CA LYS B 261 7.56 -9.06 4.23
C LYS B 261 8.26 -9.52 2.95
N LEU B 262 8.87 -10.71 2.93
CA LEU B 262 9.64 -11.18 1.74
C LEU B 262 8.70 -11.80 0.71
N GLY B 263 7.64 -12.49 1.13
CA GLY B 263 6.65 -13.01 0.19
C GLY B 263 5.94 -11.88 -0.52
N TYR B 264 5.72 -10.73 0.15
CA TYR B 264 5.06 -9.54 -0.46
C TYR B 264 6.06 -8.90 -1.44
N LEU B 265 7.32 -8.74 -1.07
CA LEU B 265 8.33 -8.17 -2.01
C LEU B 265 8.50 -9.10 -3.23
N LYS B 266 8.22 -10.39 -3.11
CA LYS B 266 8.37 -11.33 -4.24
C LYS B 266 7.15 -11.19 -5.12
N ALA B 267 5.99 -10.88 -4.55
CA ALA B 267 4.73 -10.69 -5.31
C ALA B 267 4.80 -9.42 -6.19
N VAL B 268 5.34 -8.34 -5.63
CA VAL B 268 5.55 -7.04 -6.34
C VAL B 268 6.47 -7.27 -7.53
N LEU B 269 7.67 -7.83 -7.31
CA LEU B 269 8.61 -8.18 -8.40
C LEU B 269 7.87 -9.02 -9.46
N HIS B 270 7.35 -10.20 -9.08
CA HIS B 270 6.84 -11.20 -10.06
C HIS B 270 5.62 -10.67 -10.80
N TYR B 271 4.63 -10.13 -10.08
CA TYR B 271 3.40 -9.53 -10.67
C TYR B 271 3.68 -8.25 -11.45
N GLY B 272 4.83 -7.62 -11.19
CA GLY B 272 5.21 -6.32 -11.76
C GLY B 272 5.85 -6.49 -13.12
N LEU B 273 6.77 -7.46 -13.24
CA LEU B 273 7.44 -7.85 -14.50
C LEU B 273 6.39 -8.11 -15.58
N GLU B 274 5.17 -8.41 -15.14
CA GLU B 274 4.09 -9.02 -15.95
C GLU B 274 2.90 -8.07 -16.04
N HIS B 275 3.00 -6.86 -15.51
CA HIS B 275 1.88 -5.88 -15.57
C HIS B 275 1.67 -5.50 -17.03
N PRO B 276 0.41 -5.51 -17.53
CA PRO B 276 0.18 -5.10 -18.92
C PRO B 276 1.16 -3.97 -19.34
N LYS B 277 0.99 -2.75 -18.78
CA LYS B 277 1.66 -1.47 -19.17
C LYS B 277 3.07 -1.34 -18.57
N LEU B 278 3.25 -1.54 -17.27
CA LEU B 278 4.48 -1.10 -16.56
C LEU B 278 5.54 -2.20 -16.63
N GLY B 279 5.17 -3.35 -17.16
CA GLY B 279 6.03 -4.55 -17.18
C GLY B 279 7.39 -4.24 -17.74
N MET B 280 7.39 -3.65 -18.93
CA MET B 280 8.61 -3.45 -19.77
C MET B 280 9.42 -2.29 -19.17
N GLU B 281 8.72 -1.26 -18.69
CA GLU B 281 9.32 -0.07 -18.03
C GLU B 281 9.88 -0.48 -16.67
N PHE B 282 9.17 -1.35 -15.94
CA PHE B 282 9.66 -2.00 -14.69
C PHE B 282 10.87 -2.86 -15.01
N LYS B 283 10.75 -3.84 -15.91
CA LYS B 283 11.91 -4.70 -16.29
C LYS B 283 13.14 -3.80 -16.45
N GLN B 284 12.93 -2.66 -17.13
CA GLN B 284 13.96 -1.62 -17.39
C GLN B 284 14.55 -1.17 -16.04
N LEU B 285 13.71 -0.68 -15.11
CA LEU B 285 14.16 -0.13 -13.79
C LEU B 285 15.01 -1.16 -13.04
N ILE B 286 14.68 -2.46 -13.14
CA ILE B 286 15.48 -3.55 -12.50
C ILE B 286 16.86 -3.61 -13.16
N LEU B 287 16.89 -3.64 -14.50
CA LEU B 287 18.15 -3.77 -15.30
C LEU B 287 19.13 -2.65 -14.91
N GLU B 288 18.64 -1.39 -14.86
CA GLU B 288 19.43 -0.16 -14.57
C GLU B 288 20.11 -0.17 -13.18
N LEU B 289 19.86 -1.17 -12.33
CA LEU B 289 20.24 -1.15 -10.88
C LEU B 289 21.73 -1.50 -10.66
N LYS B 290 22.32 -2.37 -11.50
CA LYS B 290 23.76 -2.75 -11.36
C LYS B 290 24.26 -3.42 -12.65
S SO4 C . -18.76 27.26 -2.90
O1 SO4 C . -20.16 27.34 -2.59
O2 SO4 C . -17.98 27.49 -1.70
O3 SO4 C . -18.42 28.28 -3.88
O4 SO4 C . -18.46 25.97 -3.47
S SO4 D . -8.96 18.17 11.79
O1 SO4 D . -7.96 18.13 12.81
O2 SO4 D . -10.17 17.58 12.25
O3 SO4 D . -9.20 19.54 11.43
O4 SO4 D . -8.47 17.43 10.65
S SO4 E . -2.34 12.36 14.80
O1 SO4 E . -2.31 12.93 16.12
O2 SO4 E . -3.54 11.59 14.61
O3 SO4 E . -1.21 11.49 14.64
O4 SO4 E . -2.30 13.41 13.83
S SO4 F . 26.26 34.25 0.97
O1 SO4 F . 27.23 33.37 1.58
O2 SO4 F . 25.50 34.91 2.01
O3 SO4 F . 26.94 35.24 0.16
O4 SO4 F . 25.39 33.50 0.12
O11 PPV G . -6.13 14.86 -6.59
P1 PPV G . -4.69 14.41 -6.31
O21 PPV G . -3.77 15.58 -5.93
O31 PPV G . -4.63 13.29 -5.32
OPP PPV G . -4.08 13.78 -7.68
P2 PPV G . -2.89 14.25 -8.67
O12 PPV G . -3.45 14.13 -10.07
O22 PPV G . -1.74 13.31 -8.41
O32 PPV G . -2.56 15.68 -8.31
C1 GOL H . -3.17 18.54 -1.42
O1 GOL H . -4.18 19.35 -0.84
C2 GOL H . -2.93 18.89 -2.88
O2 GOL H . -3.56 20.12 -3.22
C3 GOL H . -1.45 18.96 -3.23
O3 GOL H . -0.78 17.77 -2.84
PA UTP I . -3.45 -13.13 11.46
O1A UTP I . -3.74 -14.14 12.52
O2A UTP I . -3.53 -11.70 11.86
O3A UTP I . -1.99 -13.42 10.83
O5' UTP I . -4.39 -13.41 10.17
PB UTP I . -0.54 -12.72 10.83
O1B UTP I . 0.16 -13.10 9.57
O2B UTP I . -0.66 -11.28 11.20
O3B UTP I . 0.17 -13.48 12.05
PG UTP I . -0.16 -13.58 13.63
O1G UTP I . -1.23 -12.55 13.89
O2G UTP I . -0.65 -14.99 13.87
O3G UTP I . 1.14 -13.29 14.34
C5' UTP I . -5.17 -14.65 10.13
C4' UTP I . -5.64 -14.97 8.72
O4' UTP I . -6.76 -15.89 8.76
C1' UTP I . -7.95 -15.14 8.86
C2' UTP I . -7.58 -13.67 8.57
O2' UTP I . -8.47 -12.99 7.70
C3' UTP I . -6.20 -13.80 7.91
O3' UTP I . -6.27 -14.10 6.52
N1 UTP I . -8.51 -15.30 10.23
C6 UTP I . -7.84 -16.01 11.20
C2 UTP I . -9.69 -14.64 10.53
O2 UTP I . -10.32 -13.98 9.72
N3 UTP I . -10.13 -14.78 11.83
C4 UTP I . -9.52 -15.48 12.85
O4 UTP I . -10.03 -15.50 13.97
C5 UTP I . -8.29 -16.13 12.47
S SO4 J . -4.32 -18.39 10.25
O1 SO4 J . -4.46 -17.39 11.27
O2 SO4 J . -5.17 -19.51 10.56
O3 SO4 J . -2.95 -18.81 10.18
O4 SO4 J . -4.72 -17.81 8.98
S SO4 K . -10.12 -40.90 -10.32
O1 SO4 K . -8.81 -40.46 -9.88
O2 SO4 K . -11.06 -40.79 -9.23
O3 SO4 K . -10.58 -40.09 -11.43
O4 SO4 K . -10.04 -42.27 -10.76
#